data_6Z3G
#
_entry.id   6Z3G
#
_cell.length_a   97.650
_cell.length_b   97.650
_cell.length_c   99.820
_cell.angle_alpha   90.00
_cell.angle_beta   90.00
_cell.angle_gamma   120.00
#
_symmetry.space_group_name_H-M   'P 62 2 2'
#
loop_
_entity.id
_entity.type
_entity.pdbx_description
1 polymer 'Growth/differentiation factor 5'
2 polymer 'Repulsive guidance molecule A'
3 non-polymer 'CITRIC ACID'
#
loop_
_entity_poly.entity_id
_entity_poly.type
_entity_poly.pdbx_seq_one_letter_code
_entity_poly.pdbx_strand_id
1 'polypeptide(L)'
;MKRQGKRPSKNLKARCSRKALHVNFKDMGWDDWIIAPLEYEAFHCEGLCEFPLRSHLEPTNHAVIQTLMNSMDPESTPPT
CCVPTRLSPISILFIDSANNVVYKQYEDMVVESCGCR
;
A
2 'polypeptide(L)'
;ETGSPCKILKCNSEFWSATSGSHAPASDDTPEFCAALRSYALCTRRTARTCRGDLAYHSAVHGIEDLMSQHNCSKDGPTS
QPRLRTLPPAGDSQERSGTKHHHHHH
;
B
#
# COMPACT_ATOMS: atom_id res chain seq x y z
N LYS A 13 10.00 -20.88 -4.63
CA LYS A 13 11.39 -20.53 -4.87
C LYS A 13 11.65 -20.19 -6.35
N ALA A 14 10.80 -19.35 -6.93
CA ALA A 14 10.90 -18.96 -8.33
C ALA A 14 11.34 -17.51 -8.45
N ARG A 15 11.71 -17.13 -9.67
CA ARG A 15 12.24 -15.81 -9.93
C ARG A 15 11.22 -14.74 -9.55
N CYS A 16 11.71 -13.52 -9.38
CA CYS A 16 10.85 -12.38 -9.11
C CYS A 16 9.89 -12.19 -10.26
N SER A 17 8.59 -12.39 -9.99
CA SER A 17 7.59 -12.35 -11.03
C SER A 17 6.32 -11.71 -10.49
N ARG A 18 5.43 -11.40 -11.45
CA ARG A 18 4.14 -10.79 -11.17
C ARG A 18 3.08 -11.87 -10.98
N LYS A 19 2.21 -11.66 -10.01
CA LYS A 19 1.19 -12.63 -9.65
C LYS A 19 -0.15 -11.91 -9.49
N ALA A 20 -1.22 -12.69 -9.52
CA ALA A 20 -2.55 -12.10 -9.43
C ALA A 20 -2.80 -11.57 -8.02
N LEU A 21 -3.36 -10.37 -7.96
CA LEU A 21 -3.85 -9.80 -6.70
C LEU A 21 -5.13 -9.04 -7.01
N HIS A 22 -6.26 -9.58 -6.53
CA HIS A 22 -7.58 -8.99 -6.75
C HIS A 22 -7.90 -8.03 -5.60
N VAL A 23 -8.34 -6.83 -5.95
CA VAL A 23 -8.65 -5.79 -4.98
C VAL A 23 -10.15 -5.57 -5.00
N ASN A 24 -10.80 -5.84 -3.88
CA ASN A 24 -12.25 -5.69 -3.72
C ASN A 24 -12.51 -4.58 -2.71
N PHE A 25 -13.03 -3.46 -3.20
CA PHE A 25 -13.26 -2.30 -2.33
C PHE A 25 -14.38 -2.54 -1.34
N LYS A 26 -15.36 -3.38 -1.68
CA LYS A 26 -16.41 -3.69 -0.72
C LYS A 26 -15.85 -4.39 0.51
N ASP A 27 -14.82 -5.22 0.34
CA ASP A 27 -14.21 -5.92 1.46
C ASP A 27 -13.52 -4.96 2.42
N MET A 28 -13.11 -3.80 1.93
CA MET A 28 -12.38 -2.83 2.71
C MET A 28 -13.27 -1.73 3.28
N GLY A 29 -14.58 -1.89 3.18
CA GLY A 29 -15.48 -0.86 3.67
C GLY A 29 -15.42 0.44 2.92
N TRP A 30 -14.71 0.50 1.79
CA TRP A 30 -14.66 1.69 0.96
C TRP A 30 -15.88 1.82 0.07
N ASP A 31 -16.90 0.99 0.27
CA ASP A 31 -18.16 1.17 -0.42
C ASP A 31 -18.85 2.45 0.01
N ASP A 32 -18.49 3.00 1.17
CA ASP A 32 -19.12 4.20 1.69
C ASP A 32 -18.70 5.47 0.97
N TRP A 33 -17.74 5.39 0.06
CA TRP A 33 -17.31 6.58 -0.69
C TRP A 33 -16.95 6.32 -2.15
N ILE A 34 -16.55 5.09 -2.53
CA ILE A 34 -16.25 4.79 -3.92
C ILE A 34 -17.52 4.38 -4.65
N ILE A 35 -17.75 5.00 -5.80
CA ILE A 35 -18.88 4.63 -6.64
C ILE A 35 -18.48 3.46 -7.53
N ALA A 36 -17.64 3.73 -8.52
CA ALA A 36 -17.14 2.71 -9.43
C ALA A 36 -15.68 2.96 -9.72
N PRO A 37 -14.90 1.91 -9.98
CA PRO A 37 -15.29 0.49 -9.91
C PRO A 37 -15.35 0.01 -8.48
N LEU A 38 -15.84 -1.21 -8.31
CA LEU A 38 -15.89 -1.83 -6.99
C LEU A 38 -14.78 -2.84 -6.77
N GLU A 39 -14.06 -3.24 -7.83
CA GLU A 39 -13.00 -4.22 -7.75
C GLU A 39 -12.15 -4.15 -9.01
N TYR A 40 -10.88 -4.52 -8.89
CA TYR A 40 -9.98 -4.52 -10.04
C TYR A 40 -8.81 -5.46 -9.78
N GLU A 41 -8.12 -5.81 -10.87
CA GLU A 41 -6.90 -6.62 -10.81
C GLU A 41 -5.69 -5.71 -10.60
N ALA A 42 -4.98 -5.89 -9.47
CA ALA A 42 -3.84 -5.06 -9.15
C ALA A 42 -2.50 -5.76 -9.28
N PHE A 43 -2.48 -7.08 -9.11
CA PHE A 43 -1.25 -7.87 -9.15
C PHE A 43 -0.35 -7.54 -7.97
N HIS A 44 0.67 -8.37 -7.77
CA HIS A 44 1.68 -8.10 -6.76
C HIS A 44 2.96 -8.77 -7.22
N CYS A 45 4.07 -8.40 -6.58
CA CYS A 45 5.37 -8.92 -6.95
C CYS A 45 5.84 -9.90 -5.89
N GLU A 46 6.50 -10.97 -6.34
CA GLU A 46 6.99 -11.99 -5.42
C GLU A 46 8.03 -12.82 -6.14
N GLY A 47 9.13 -13.11 -5.46
CA GLY A 47 10.14 -14.00 -6.02
C GLY A 47 11.52 -13.65 -5.51
N LEU A 48 12.45 -14.57 -5.77
CA LEU A 48 13.83 -14.41 -5.34
C LEU A 48 14.56 -13.42 -6.23
N CYS A 49 15.43 -12.61 -5.62
CA CYS A 49 16.27 -11.64 -6.30
C CYS A 49 17.72 -12.02 -6.05
N GLU A 50 18.20 -13.04 -6.74
CA GLU A 50 19.58 -13.48 -6.57
C GLU A 50 20.36 -13.29 -7.86
N PHE A 51 21.68 -13.43 -7.76
CA PHE A 51 22.57 -13.19 -8.87
C PHE A 51 22.57 -14.39 -9.82
N PRO A 52 22.51 -14.15 -11.15
CA PRO A 52 22.41 -12.83 -11.79
C PRO A 52 20.96 -12.40 -12.00
N LEU A 53 20.77 -11.14 -12.38
CA LEU A 53 19.44 -10.59 -12.60
C LEU A 53 19.08 -10.68 -14.08
N ARG A 54 17.80 -10.94 -14.35
CA ARG A 54 17.31 -11.16 -15.70
C ARG A 54 17.12 -9.83 -16.43
N SER A 55 17.05 -9.92 -17.76
CA SER A 55 16.91 -8.72 -18.59
C SER A 55 15.62 -7.97 -18.29
N HIS A 56 14.51 -8.71 -18.20
CA HIS A 56 13.21 -8.10 -17.96
C HIS A 56 13.08 -7.46 -16.58
N LEU A 57 14.02 -7.75 -15.67
CA LEU A 57 14.00 -7.09 -14.37
C LEU A 57 14.48 -5.64 -14.47
N GLU A 58 15.34 -5.34 -15.47
CA GLU A 58 15.94 -4.04 -15.80
C GLU A 58 16.20 -3.17 -14.58
N PRO A 59 17.13 -3.55 -13.71
CA PRO A 59 17.20 -2.95 -12.38
C PRO A 59 18.11 -1.74 -12.30
N THR A 60 18.24 -1.19 -11.10
CA THR A 60 19.07 -0.02 -10.89
C THR A 60 20.51 -0.46 -10.63
N ASN A 61 21.46 0.43 -10.97
CA ASN A 61 22.87 0.15 -10.72
C ASN A 61 23.10 -0.31 -9.29
N HIS A 62 22.50 0.40 -8.33
CA HIS A 62 22.54 -0.02 -6.93
C HIS A 62 21.98 -1.43 -6.76
N ALA A 63 20.86 -1.73 -7.40
CA ALA A 63 20.29 -3.07 -7.28
C ALA A 63 21.28 -4.12 -7.78
N VAL A 64 21.95 -3.83 -8.90
CA VAL A 64 22.94 -4.76 -9.45
C VAL A 64 24.06 -4.98 -8.45
N ILE A 65 24.59 -3.89 -7.91
CA ILE A 65 25.74 -3.98 -7.01
C ILE A 65 25.37 -4.71 -5.73
N GLN A 66 24.20 -4.40 -5.16
CA GLN A 66 23.77 -5.07 -3.92
C GLN A 66 23.53 -6.55 -4.16
N THR A 67 22.96 -6.91 -5.32
CA THR A 67 22.77 -8.32 -5.61
C THR A 67 24.12 -9.03 -5.71
N LEU A 68 25.06 -8.42 -6.44
CA LEU A 68 26.36 -9.05 -6.60
C LEU A 68 27.06 -9.22 -5.25
N MET A 69 26.96 -8.21 -4.39
CA MET A 69 27.59 -8.31 -3.08
C MET A 69 26.90 -9.35 -2.20
N ASN A 70 25.58 -9.45 -2.28
CA ASN A 70 24.89 -10.51 -1.55
C ASN A 70 25.33 -11.87 -2.04
N SER A 71 25.57 -12.00 -3.35
CA SER A 71 26.09 -13.26 -3.89
C SER A 71 27.48 -13.56 -3.35
N MET A 72 28.34 -12.54 -3.26
CA MET A 72 29.69 -12.75 -2.76
C MET A 72 29.68 -13.17 -1.30
N ASP A 73 28.98 -12.43 -0.44
CA ASP A 73 28.93 -12.70 0.99
C ASP A 73 27.53 -12.35 1.49
N PRO A 74 26.66 -13.35 1.66
CA PRO A 74 25.29 -13.06 2.13
C PRO A 74 25.24 -12.55 3.56
N GLU A 75 26.32 -12.71 4.33
CA GLU A 75 26.35 -12.22 5.71
C GLU A 75 26.56 -10.72 5.77
N SER A 76 27.30 -10.15 4.82
CA SER A 76 27.60 -8.73 4.83
C SER A 76 26.65 -7.90 3.97
N THR A 77 25.88 -8.55 3.10
CA THR A 77 24.95 -7.83 2.24
C THR A 77 23.68 -8.64 2.06
N PRO A 78 22.52 -8.08 2.36
CA PRO A 78 21.26 -8.78 2.16
C PRO A 78 20.79 -8.61 0.72
N PRO A 79 19.99 -9.56 0.20
CA PRO A 79 19.55 -9.45 -1.19
C PRO A 79 18.54 -8.33 -1.37
N THR A 80 18.44 -7.87 -2.62
CA THR A 80 17.43 -6.90 -3.00
C THR A 80 16.03 -7.55 -2.92
N CYS A 81 14.99 -6.75 -3.19
CA CYS A 81 13.63 -7.23 -3.03
C CYS A 81 12.85 -7.15 -4.34
N CYS A 82 11.82 -7.98 -4.43
CA CYS A 82 10.98 -8.05 -5.62
C CYS A 82 9.83 -7.05 -5.45
N VAL A 83 9.84 -5.99 -6.25
CA VAL A 83 8.85 -4.92 -6.10
C VAL A 83 8.37 -4.47 -7.46
N PRO A 84 7.27 -3.71 -7.49
CA PRO A 84 6.79 -3.15 -8.76
C PRO A 84 7.72 -2.08 -9.30
N THR A 85 8.13 -2.25 -10.57
CA THR A 85 8.95 -1.25 -11.23
C THR A 85 8.20 -0.45 -12.30
N ARG A 86 7.06 -0.93 -12.79
CA ARG A 86 6.20 -0.11 -13.65
C ARG A 86 4.76 -0.32 -13.24
N LEU A 87 4.01 0.76 -13.12
CA LEU A 87 2.61 0.67 -12.75
C LEU A 87 1.75 1.46 -13.73
N SER A 88 0.48 1.10 -13.76
CA SER A 88 -0.49 1.84 -14.56
C SER A 88 -1.55 2.43 -13.64
N PRO A 89 -2.27 3.45 -14.10
CA PRO A 89 -3.30 4.07 -13.26
C PRO A 89 -4.64 3.39 -13.45
N ILE A 90 -5.59 3.71 -12.56
CA ILE A 90 -6.99 3.45 -12.84
C ILE A 90 -7.79 4.68 -12.45
N SER A 91 -8.96 4.81 -13.06
CA SER A 91 -9.84 5.93 -12.83
C SER A 91 -10.97 5.50 -11.92
N ILE A 92 -11.10 6.22 -10.80
CA ILE A 92 -12.11 5.95 -9.78
C ILE A 92 -13.09 7.12 -9.72
N LEU A 93 -14.36 6.79 -9.53
CA LEU A 93 -15.43 7.76 -9.37
C LEU A 93 -15.89 7.72 -7.91
N PHE A 94 -15.85 8.85 -7.23
CA PHE A 94 -16.16 8.87 -5.80
C PHE A 94 -16.83 10.18 -5.41
N ILE A 95 -17.26 10.25 -4.15
CA ILE A 95 -17.84 11.47 -3.58
C ILE A 95 -16.88 11.97 -2.51
N ASP A 96 -16.36 13.18 -2.71
CA ASP A 96 -15.37 13.72 -1.78
C ASP A 96 -16.02 14.39 -0.58
N SER A 97 -15.29 15.34 0.00
CA SER A 97 -15.76 16.04 1.19
C SER A 97 -16.97 16.91 0.89
N ALA A 98 -16.89 17.74 -0.14
CA ALA A 98 -17.91 18.73 -0.46
C ALA A 98 -19.13 18.13 -1.14
N ASN A 99 -19.35 16.82 -1.02
CA ASN A 99 -20.49 16.14 -1.65
C ASN A 99 -20.49 16.37 -3.16
N ASN A 100 -19.32 16.19 -3.77
CA ASN A 100 -19.12 16.36 -5.20
C ASN A 100 -18.62 15.05 -5.79
N VAL A 101 -19.20 14.64 -6.92
CA VAL A 101 -18.77 13.43 -7.58
C VAL A 101 -17.56 13.73 -8.47
N VAL A 102 -16.49 12.95 -8.29
CA VAL A 102 -15.20 13.20 -8.90
C VAL A 102 -14.73 11.95 -9.64
N TYR A 103 -14.37 12.13 -10.92
CA TYR A 103 -13.69 11.12 -11.72
C TYR A 103 -12.20 11.44 -11.73
N LYS A 104 -11.42 10.66 -10.98
CA LYS A 104 -10.01 10.93 -10.80
C LYS A 104 -9.16 9.77 -11.29
N GLN A 105 -8.06 10.08 -11.94
CA GLN A 105 -7.10 9.07 -12.38
C GLN A 105 -6.06 8.91 -11.27
N TYR A 106 -6.23 7.88 -10.44
CA TYR A 106 -5.23 7.53 -9.43
C TYR A 106 -4.09 6.77 -10.08
N GLU A 107 -2.87 7.21 -9.80
CA GLU A 107 -1.67 6.64 -10.37
C GLU A 107 -1.15 5.50 -9.50
N ASP A 108 -0.25 4.70 -10.09
CA ASP A 108 0.40 3.57 -9.44
C ASP A 108 -0.63 2.69 -8.74
N MET A 109 -1.53 2.12 -9.55
CA MET A 109 -2.59 1.27 -9.07
C MET A 109 -2.51 -0.18 -9.55
N VAL A 110 -1.98 -0.42 -10.76
CA VAL A 110 -1.89 -1.76 -11.33
C VAL A 110 -0.42 -2.06 -11.61
N VAL A 111 0.14 -3.05 -10.91
CA VAL A 111 1.51 -3.49 -11.20
C VAL A 111 1.59 -4.00 -12.63
N GLU A 112 2.57 -3.50 -13.39
CA GLU A 112 2.75 -3.93 -14.77
C GLU A 112 4.07 -4.61 -15.05
N SER A 113 5.09 -4.38 -14.22
CA SER A 113 6.28 -5.22 -14.27
C SER A 113 6.89 -5.24 -12.89
N CYS A 114 7.54 -6.36 -12.57
CA CYS A 114 8.28 -6.48 -11.33
C CYS A 114 9.78 -6.47 -11.62
N GLY A 115 10.55 -6.13 -10.59
CA GLY A 115 11.99 -6.11 -10.71
C GLY A 115 12.60 -6.15 -9.34
N CYS A 116 13.92 -6.06 -9.30
CA CYS A 116 14.69 -6.12 -8.07
C CYS A 116 15.33 -4.77 -7.78
N ARG A 117 15.18 -4.30 -6.54
CA ARG A 117 15.57 -2.95 -6.16
C ARG A 117 16.28 -2.86 -4.80
N PRO B 5 -3.18 20.42 3.16
CA PRO B 5 -4.55 20.29 3.68
C PRO B 5 -4.73 19.06 4.57
N CYS B 6 -4.73 17.88 3.95
CA CYS B 6 -4.85 16.64 4.70
C CYS B 6 -3.59 16.40 5.54
N LYS B 7 -3.81 15.84 6.73
CA LYS B 7 -2.70 15.60 7.66
C LYS B 7 -2.93 14.31 8.42
N ILE B 8 -3.17 13.22 7.71
CA ILE B 8 -3.25 11.90 8.35
C ILE B 8 -1.87 11.27 8.52
N LEU B 9 -0.86 11.76 7.79
CA LEU B 9 0.48 11.21 7.92
C LEU B 9 1.13 11.58 9.25
N LYS B 10 0.56 12.54 9.99
CA LYS B 10 1.01 12.81 11.35
C LYS B 10 0.46 11.77 12.32
N CYS B 11 -0.81 11.39 12.17
CA CYS B 11 -1.35 10.27 12.93
C CYS B 11 -0.64 8.97 12.57
N ASN B 12 -0.19 8.85 11.32
CA ASN B 12 0.63 7.72 10.90
C ASN B 12 2.04 7.77 11.48
N SER B 13 2.46 8.90 12.03
CA SER B 13 3.74 9.03 12.72
C SER B 13 3.58 9.26 14.22
N GLU B 14 2.35 9.35 14.71
CA GLU B 14 2.06 9.53 16.14
C GLU B 14 1.63 8.24 16.81
N PHE B 15 0.61 7.56 16.25
CA PHE B 15 0.21 6.26 16.79
C PHE B 15 1.25 5.19 16.48
N TRP B 16 1.79 5.21 15.26
CA TRP B 16 2.77 4.20 14.86
C TRP B 16 4.09 4.34 15.61
N SER B 17 4.34 5.49 16.23
CA SER B 17 5.57 5.70 16.99
C SER B 17 5.37 5.56 18.50
N ALA B 18 4.13 5.45 18.97
CA ALA B 18 3.85 5.31 20.38
C ALA B 18 3.77 3.84 20.79
N GLU B 32 -1.81 -3.67 26.18
CA GLU B 32 -2.79 -4.64 26.65
C GLU B 32 -4.20 -4.04 26.66
N PHE B 33 -4.27 -2.73 26.86
CA PHE B 33 -5.53 -2.00 26.84
C PHE B 33 -5.67 -1.24 25.52
N CYS B 34 -6.88 -0.74 25.26
CA CYS B 34 -7.18 0.00 24.06
C CYS B 34 -7.29 1.51 24.31
N ALA B 35 -6.56 2.01 25.30
CA ALA B 35 -6.53 3.45 25.56
C ALA B 35 -5.75 4.22 24.50
N ALA B 36 -5.00 3.52 23.65
CA ALA B 36 -4.23 4.17 22.58
C ALA B 36 -4.88 4.02 21.21
N LEU B 37 -5.61 2.92 20.96
CA LEU B 37 -6.29 2.76 19.68
C LEU B 37 -7.44 3.74 19.53
N ARG B 38 -8.15 4.03 20.62
CA ARG B 38 -9.16 5.08 20.59
C ARG B 38 -8.53 6.44 20.37
N SER B 39 -7.30 6.65 20.86
CA SER B 39 -6.59 7.88 20.58
C SER B 39 -6.28 8.01 19.09
N TYR B 40 -5.95 6.89 18.44
CA TYR B 40 -5.74 6.91 16.99
C TYR B 40 -7.05 7.16 16.25
N ALA B 41 -8.14 6.57 16.72
CA ALA B 41 -9.44 6.85 16.12
C ALA B 41 -9.79 8.33 16.22
N LEU B 42 -9.49 8.96 17.36
CA LEU B 42 -9.74 10.38 17.51
C LEU B 42 -8.80 11.20 16.62
N CYS B 43 -7.55 10.77 16.48
CA CYS B 43 -6.61 11.46 15.60
C CYS B 43 -7.11 11.45 14.16
N THR B 44 -7.67 10.32 13.72
CA THR B 44 -8.17 10.23 12.36
C THR B 44 -9.49 10.96 12.18
N ARG B 45 -10.37 10.94 13.19
CA ARG B 45 -11.64 11.62 13.10
C ARG B 45 -11.54 13.13 13.32
N ARG B 46 -10.42 13.62 13.85
CA ARG B 46 -10.20 15.06 13.93
C ARG B 46 -10.12 15.69 12.54
N THR B 47 -9.78 14.90 11.52
CA THR B 47 -9.80 15.36 10.13
C THR B 47 -10.74 14.48 9.32
N ALA B 48 -11.99 14.36 9.75
CA ALA B 48 -12.97 13.48 9.13
C ALA B 48 -13.60 14.07 7.86
N ARG B 49 -13.10 15.17 7.36
CA ARG B 49 -13.61 15.77 6.14
C ARG B 49 -12.53 16.09 5.13
N THR B 50 -11.37 16.60 5.58
CA THR B 50 -10.35 17.11 4.66
C THR B 50 -9.75 16.01 3.79
N CYS B 51 -9.64 14.79 4.31
CA CYS B 51 -8.94 13.72 3.63
C CYS B 51 -9.89 12.78 2.88
N ARG B 52 -11.02 13.30 2.39
CA ARG B 52 -11.96 12.49 1.60
C ARG B 52 -11.44 12.41 0.17
N GLY B 53 -10.61 11.39 -0.08
CA GLY B 53 -9.96 11.23 -1.37
C GLY B 53 -8.60 10.55 -1.26
N ASP B 54 -7.86 10.88 -0.21
CA ASP B 54 -6.58 10.25 0.06
C ASP B 54 -6.78 8.78 0.41
N LEU B 55 -6.08 7.89 -0.29
CA LEU B 55 -6.23 6.46 -0.03
C LEU B 55 -5.80 6.11 1.39
N ALA B 56 -4.76 6.79 1.88
CA ALA B 56 -4.23 6.47 3.21
C ALA B 56 -5.23 6.79 4.32
N TYR B 57 -6.08 7.80 4.12
CA TYR B 57 -7.08 8.14 5.13
C TYR B 57 -8.09 7.00 5.32
N HIS B 58 -8.71 6.56 4.23
CA HIS B 58 -9.67 5.46 4.31
C HIS B 58 -9.00 4.17 4.75
N SER B 59 -7.73 3.97 4.33
CA SER B 59 -6.97 2.81 4.76
C SER B 59 -6.76 2.82 6.28
N ALA B 60 -6.41 3.97 6.84
CA ALA B 60 -6.19 4.06 8.28
C ALA B 60 -7.49 3.90 9.06
N VAL B 61 -8.59 4.46 8.55
CA VAL B 61 -9.89 4.30 9.20
C VAL B 61 -10.28 2.83 9.25
N HIS B 62 -10.18 2.14 8.10
CA HIS B 62 -10.55 0.73 8.08
C HIS B 62 -9.58 -0.12 8.90
N GLY B 63 -8.31 0.25 8.97
CA GLY B 63 -7.37 -0.49 9.81
C GLY B 63 -7.64 -0.32 11.28
N ILE B 64 -8.04 0.89 11.69
CA ILE B 64 -8.46 1.11 13.07
C ILE B 64 -9.71 0.28 13.37
N GLU B 65 -10.64 0.21 12.42
CA GLU B 65 -11.81 -0.64 12.59
C GLU B 65 -11.41 -2.11 12.77
N ASP B 66 -10.44 -2.57 11.98
CA ASP B 66 -9.98 -3.96 12.07
C ASP B 66 -9.35 -4.23 13.42
N LEU B 67 -8.42 -3.36 13.85
CA LEU B 67 -7.77 -3.54 15.14
C LEU B 67 -8.72 -3.35 16.31
N MET B 68 -9.87 -2.70 16.10
CA MET B 68 -10.85 -2.54 17.17
C MET B 68 -11.53 -3.87 17.51
N SER B 69 -11.73 -4.73 16.52
CA SER B 69 -12.37 -6.03 16.72
C SER B 69 -11.36 -7.18 16.73
N GLN B 70 -10.13 -6.91 17.16
CA GLN B 70 -9.08 -7.91 17.23
C GLN B 70 -8.56 -8.13 18.65
N HIS B 71 -8.31 -7.06 19.40
CA HIS B 71 -7.81 -7.17 20.77
C HIS B 71 -8.93 -7.06 21.81
N ASN B 72 -10.19 -7.18 21.38
CA ASN B 72 -11.35 -7.12 22.27
C ASN B 72 -11.38 -5.79 23.03
N CYS B 73 -11.88 -4.73 22.38
CA CYS B 73 -11.95 -3.42 23.00
C CYS B 73 -13.38 -3.06 23.39
N SER B 74 -13.99 -3.87 24.26
CA SER B 74 -15.35 -3.65 24.74
C SER B 74 -16.35 -3.48 23.58
#